data_8QG5
#
_entry.id   8QG5
#
_cell.length_a   62.853
_cell.length_b   76.192
_cell.length_c   118.920
_cell.angle_alpha   90.00
_cell.angle_beta   90.00
_cell.angle_gamma   90.00
#
_symmetry.space_group_name_H-M   'I 2 2 2'
#
loop_
_entity.id
_entity.type
_entity.pdbx_description
1 polymer 'NAD kinase 1'
2 non-polymer 'CITRIC ACID'
3 non-polymer (2~{R},3~{R},4~{S},5~{R})-2-(6-aminopurin-9-yl)-5-[[3-[6-azanyl-9-(phenylmethyl)purin-8-yl]prop-2-ynyl-methyl-amino]methyl]oxolane-3,4-diol
4 water water
#
_entity_poly.entity_id   1
_entity_poly.type   'polypeptide(L)'
_entity_poly.pdbx_seq_one_letter_code
;MKYMITSKGDEKSDLLRLNMIAGFGEYDMEYDDVEPEIVISIGGDGTFLSAFHQYEERLDEIAFIGIHTGHLGFYADWRP
AEADKLVKLLAKGEYQKVSYPLLKTTVKYGIGKKEATYLALNESTVKSSGGPFVVDVVINDIHFERFRGDGLCMSTPSGT
TAYNKSLGGALMHPSIEAMQLTEMASINNRVYRTIGSPLVFPKHHVVSLQPVNDKDFQISVDHLSILHRDVQEIRYEVSA
KKIHFARFRSFPFWRRVHDSFIEDLEHHHHHH
;
_entity_poly.pdbx_strand_id   A
#
loop_
_chem_comp.id
_chem_comp.type
_chem_comp.name
_chem_comp.formula
CIT non-polymer 'CITRIC ACID' 'C6 H8 O7'
UY6 non-polymer (2~{R},3~{R},4~{S},5~{R})-2-(6-aminopurin-9-yl)-5-[[3-[6-azanyl-9-(phenylmethyl)purin-8-yl]prop-2-ynyl-methyl-amino]methyl]oxolane-3,4-diol 'C26 H27 N11 O3'
#
# COMPACT_ATOMS: atom_id res chain seq x y z
N MET A 1 17.73 -1.78 -20.81
CA MET A 1 17.75 -2.45 -19.52
C MET A 1 16.63 -3.48 -19.42
N LYS A 2 16.64 -4.27 -18.34
CA LYS A 2 15.64 -5.31 -18.16
C LYS A 2 14.32 -4.72 -17.68
N TYR A 3 13.22 -5.26 -18.19
CA TYR A 3 11.90 -4.76 -17.85
C TYR A 3 10.89 -5.90 -17.92
N MET A 4 9.71 -5.66 -17.34
CA MET A 4 8.59 -6.58 -17.47
C MET A 4 7.30 -5.78 -17.37
N ILE A 5 6.22 -6.35 -17.91
CA ILE A 5 4.92 -5.70 -17.94
C ILE A 5 3.86 -6.69 -17.46
N THR A 6 3.04 -6.26 -16.52
CA THR A 6 1.89 -7.03 -16.05
C THR A 6 0.61 -6.35 -16.51
N SER A 7 -0.45 -7.15 -16.65
CA SER A 7 -1.69 -6.68 -17.24
C SER A 7 -2.88 -7.08 -16.38
N LYS A 8 -3.95 -6.28 -16.47
CA LYS A 8 -5.18 -6.58 -15.75
C LYS A 8 -5.81 -7.87 -16.23
N GLY A 9 -5.69 -8.18 -17.52
CA GLY A 9 -6.19 -9.42 -18.07
C GLY A 9 -7.34 -9.26 -19.05
N ASP A 10 -7.73 -8.05 -19.39
CA ASP A 10 -8.83 -7.82 -20.32
C ASP A 10 -8.28 -7.47 -21.70
N GLU A 11 -9.21 -7.23 -22.64
CA GLU A 11 -8.82 -6.92 -24.01
C GLU A 11 -8.01 -5.64 -24.09
N LYS A 12 -8.41 -4.62 -23.33
CA LYS A 12 -7.76 -3.31 -23.44
C LYS A 12 -6.33 -3.35 -22.91
N SER A 13 -6.10 -4.04 -21.80
CA SER A 13 -4.78 -4.04 -21.19
C SER A 13 -3.83 -5.01 -21.86
N ASP A 14 -4.31 -6.20 -22.23
CA ASP A 14 -3.44 -7.20 -22.85
C ASP A 14 -2.90 -6.72 -24.18
N LEU A 15 -3.74 -6.09 -25.00
CA LEU A 15 -3.32 -5.64 -26.31
C LEU A 15 -2.51 -4.35 -26.25
N LEU A 16 -2.65 -3.57 -25.17
CA LEU A 16 -1.75 -2.45 -24.95
C LEU A 16 -0.39 -2.91 -24.45
N ARG A 17 -0.37 -4.01 -23.69
CA ARG A 17 0.91 -4.57 -23.23
C ARG A 17 1.75 -5.06 -24.40
N LEU A 18 1.12 -5.69 -25.39
CA LEU A 18 1.86 -6.19 -26.54
C LEU A 18 2.40 -5.06 -27.40
N ASN A 19 1.68 -3.93 -27.48
CA ASN A 19 2.17 -2.80 -28.26
C ASN A 19 3.40 -2.17 -27.62
N MET A 20 3.45 -2.13 -26.29
CA MET A 20 4.63 -1.58 -25.61
C MET A 20 5.82 -2.51 -25.75
N ILE A 21 5.59 -3.82 -25.67
CA ILE A 21 6.68 -4.78 -25.88
C ILE A 21 7.23 -4.66 -27.29
N ALA A 22 6.35 -4.51 -28.28
CA ALA A 22 6.80 -4.30 -29.66
C ALA A 22 7.55 -2.98 -29.80
N GLY A 23 7.10 -1.94 -29.10
CA GLY A 23 7.83 -0.68 -29.11
C GLY A 23 9.18 -0.81 -28.41
N PHE A 24 9.24 -1.57 -27.32
CA PHE A 24 10.51 -1.84 -26.67
C PHE A 24 11.41 -2.71 -27.53
N GLY A 25 10.83 -3.51 -28.43
CA GLY A 25 11.62 -4.33 -29.33
C GLY A 25 12.47 -3.52 -30.29
N GLU A 26 12.15 -2.25 -30.47
CA GLU A 26 12.94 -1.34 -31.30
C GLU A 26 14.02 -0.61 -30.50
N TYR A 27 14.31 -1.07 -29.29
CA TYR A 27 15.31 -0.45 -28.44
C TYR A 27 16.16 -1.53 -27.78
N ASP A 28 17.22 -1.08 -27.11
CA ASP A 28 18.09 -1.98 -26.33
C ASP A 28 17.44 -2.22 -24.97
N MET A 29 16.35 -2.97 -24.99
CA MET A 29 15.59 -3.31 -23.80
C MET A 29 15.28 -4.80 -23.84
N GLU A 30 15.53 -5.49 -22.73
CA GLU A 30 15.37 -6.93 -22.62
C GLU A 30 14.20 -7.23 -21.69
N TYR A 31 13.23 -7.99 -22.18
CA TYR A 31 12.12 -8.41 -21.33
C TYR A 31 12.60 -9.50 -20.38
N ASP A 32 12.29 -9.32 -19.10
CA ASP A 32 12.73 -10.26 -18.07
C ASP A 32 11.86 -10.04 -16.84
N ASP A 33 11.08 -11.05 -16.45
CA ASP A 33 10.27 -10.98 -15.26
C ASP A 33 10.90 -11.71 -14.07
N VAL A 34 12.20 -11.99 -14.14
CA VAL A 34 12.93 -12.62 -13.04
C VAL A 34 13.65 -11.53 -12.27
N GLU A 35 14.54 -10.80 -12.94
CA GLU A 35 15.27 -9.68 -12.35
C GLU A 35 15.04 -8.43 -13.18
N PRO A 36 13.82 -7.89 -13.19
CA PRO A 36 13.58 -6.65 -13.94
C PRO A 36 14.01 -5.43 -13.14
N GLU A 37 14.37 -4.39 -13.88
CA GLU A 37 14.66 -3.08 -13.30
C GLU A 37 13.52 -2.09 -13.49
N ILE A 38 12.62 -2.35 -14.42
CA ILE A 38 11.44 -1.52 -14.67
C ILE A 38 10.23 -2.44 -14.70
N VAL A 39 9.25 -2.16 -13.83
CA VAL A 39 8.01 -2.93 -13.78
C VAL A 39 6.87 -2.00 -14.21
N ILE A 40 6.17 -2.38 -15.27
CA ILE A 40 5.08 -1.60 -15.83
C ILE A 40 3.77 -2.31 -15.52
N SER A 41 2.83 -1.58 -14.95
CA SER A 41 1.51 -2.10 -14.60
C SER A 41 0.46 -1.45 -15.49
N ILE A 42 -0.40 -2.27 -16.10
CA ILE A 42 -1.44 -1.79 -16.99
C ILE A 42 -2.78 -2.31 -16.48
N GLY A 43 -3.65 -1.40 -16.07
CA GLY A 43 -4.96 -1.76 -15.55
C GLY A 43 -5.48 -0.76 -14.54
N GLY A 44 -5.43 -1.11 -13.27
CA GLY A 44 -5.84 -0.21 -12.22
C GLY A 44 -4.88 -0.23 -11.04
N ASP A 45 -5.25 0.44 -9.95
CA ASP A 45 -4.41 0.38 -8.75
C ASP A 45 -4.38 -1.02 -8.16
N GLY A 46 -5.43 -1.81 -8.36
CA GLY A 46 -5.40 -3.20 -7.94
C GLY A 46 -4.37 -4.01 -8.70
N THR A 47 -4.26 -3.78 -10.00
CA THR A 47 -3.21 -4.42 -10.78
C THR A 47 -1.83 -3.94 -10.34
N PHE A 48 -1.71 -2.67 -9.96
CA PHE A 48 -0.44 -2.14 -9.51
C PHE A 48 -0.02 -2.79 -8.18
N LEU A 49 -0.99 -2.99 -7.28
CA LEU A 49 -0.67 -3.62 -6.00
C LEU A 49 -0.14 -5.03 -6.19
N SER A 50 -0.69 -5.76 -7.17
CA SER A 50 -0.19 -7.11 -7.45
C SER A 50 1.24 -7.04 -7.98
N ALA A 51 1.53 -6.05 -8.83
CA ALA A 51 2.89 -5.89 -9.33
C ALA A 51 3.87 -5.54 -8.22
N PHE A 52 3.40 -4.82 -7.20
CA PHE A 52 4.28 -4.45 -6.09
C PHE A 52 4.61 -5.67 -5.24
N HIS A 53 3.60 -6.42 -4.81
CA HIS A 53 3.82 -7.61 -4.01
C HIS A 53 4.49 -8.73 -4.78
N GLN A 54 4.39 -8.71 -6.11
CA GLN A 54 5.05 -9.75 -6.90
C GLN A 54 6.56 -9.59 -6.87
N TYR A 55 7.06 -8.36 -6.64
CA TYR A 55 8.48 -8.08 -6.61
C TYR A 55 8.87 -7.32 -5.36
N GLU A 56 8.20 -7.57 -4.24
CA GLU A 56 8.52 -6.83 -3.01
C GLU A 56 9.85 -7.25 -2.39
N GLU A 57 10.59 -8.15 -3.04
CA GLU A 57 11.89 -8.59 -2.58
C GLU A 57 13.04 -7.82 -3.22
N ARG A 58 12.77 -7.04 -4.27
CA ARG A 58 13.77 -6.29 -5.02
C ARG A 58 13.32 -4.85 -5.21
N LEU A 59 12.82 -4.25 -4.13
CA LEU A 59 12.28 -2.89 -4.19
C LEU A 59 13.36 -1.87 -4.50
N ASP A 60 14.54 -2.01 -3.92
CA ASP A 60 15.59 -1.01 -4.04
C ASP A 60 16.28 -1.03 -5.40
N GLU A 61 15.82 -1.84 -6.35
CA GLU A 61 16.39 -1.85 -7.70
C GLU A 61 15.32 -1.93 -8.77
N ILE A 62 14.10 -1.50 -8.47
CA ILE A 62 12.99 -1.51 -9.41
C ILE A 62 12.31 -0.16 -9.37
N ALA A 63 12.00 0.41 -10.53
CA ALA A 63 11.24 1.64 -10.66
C ALA A 63 9.88 1.29 -11.25
N PHE A 64 8.83 1.48 -10.47
CA PHE A 64 7.49 1.11 -10.89
C PHE A 64 6.84 2.22 -11.71
N ILE A 65 6.04 1.80 -12.69
CA ILE A 65 5.24 2.72 -13.50
C ILE A 65 3.83 2.15 -13.60
N GLY A 66 2.83 3.04 -13.58
CA GLY A 66 1.46 2.61 -13.68
C GLY A 66 0.69 3.26 -14.82
N ILE A 67 -0.01 2.44 -15.60
CA ILE A 67 -0.86 2.91 -16.69
C ILE A 67 -2.28 2.45 -16.38
N HIS A 68 -3.20 3.41 -16.32
CA HIS A 68 -4.60 3.12 -16.00
C HIS A 68 -5.40 3.05 -17.28
N THR A 69 -5.95 1.88 -17.59
CA THR A 69 -6.87 1.76 -18.71
C THR A 69 -8.26 2.25 -18.36
N GLY A 70 -8.65 2.14 -17.09
CA GLY A 70 -9.93 2.66 -16.66
C GLY A 70 -9.84 4.12 -16.27
N HIS A 71 -10.09 4.41 -14.99
CA HIS A 71 -10.01 5.77 -14.47
C HIS A 71 -8.65 6.03 -13.84
N LEU A 72 -8.41 7.30 -13.53
CA LEU A 72 -7.13 7.71 -12.95
C LEU A 72 -6.93 7.05 -11.59
N GLY A 73 -5.84 6.28 -11.46
CA GLY A 73 -5.43 5.75 -10.18
C GLY A 73 -4.33 6.58 -9.56
N PHE A 74 -4.13 6.40 -8.26
CA PHE A 74 -3.06 7.14 -7.58
C PHE A 74 -1.68 6.56 -7.88
N TYR A 75 -1.61 5.27 -8.18
CA TYR A 75 -0.36 4.64 -8.61
C TYR A 75 -0.28 4.50 -10.13
N ALA A 76 -1.41 4.26 -10.79
CA ALA A 76 -1.48 4.19 -12.24
C ALA A 76 -1.97 5.55 -12.73
N ASP A 77 -1.03 6.47 -12.94
CA ASP A 77 -1.33 7.85 -13.29
C ASP A 77 -0.79 8.21 -14.67
N TRP A 78 -0.88 7.28 -15.62
CA TRP A 78 -0.47 7.50 -16.99
C TRP A 78 -1.58 7.03 -17.92
N ARG A 79 -2.09 7.94 -18.74
CA ARG A 79 -3.15 7.60 -19.67
C ARG A 79 -2.62 6.67 -20.76
N PRO A 80 -3.46 5.78 -21.28
CA PRO A 80 -3.00 4.83 -22.33
C PRO A 80 -2.51 5.53 -23.59
N ALA A 81 -3.05 6.70 -23.92
CA ALA A 81 -2.60 7.42 -25.10
C ALA A 81 -1.16 7.91 -24.96
N GLU A 82 -0.67 8.06 -23.73
CA GLU A 82 0.69 8.51 -23.48
C GLU A 82 1.68 7.34 -23.38
N ALA A 83 1.26 6.13 -23.76
CA ALA A 83 2.13 4.97 -23.64
C ALA A 83 3.26 4.97 -24.68
N ASP A 84 2.99 5.45 -25.89
CA ASP A 84 4.04 5.49 -26.90
C ASP A 84 5.16 6.44 -26.50
N LYS A 85 4.80 7.62 -25.98
CA LYS A 85 5.81 8.54 -25.46
C LYS A 85 6.48 8.01 -24.20
N LEU A 86 5.82 7.07 -23.50
CA LEU A 86 6.42 6.49 -22.30
C LEU A 86 7.53 5.52 -22.67
N VAL A 87 7.38 4.79 -23.78
CA VAL A 87 8.39 3.82 -24.21
C VAL A 87 9.68 4.53 -24.58
N LYS A 88 9.57 5.69 -25.23
CA LYS A 88 10.76 6.39 -25.70
C LYS A 88 11.60 6.92 -24.55
N LEU A 89 10.98 7.68 -23.63
CA LEU A 89 11.71 8.27 -22.52
C LEU A 89 12.27 7.19 -21.59
N LEU A 90 11.52 6.10 -21.41
CA LEU A 90 11.97 5.01 -20.56
C LEU A 90 13.17 4.28 -21.15
N ALA A 91 13.41 4.42 -22.45
CA ALA A 91 14.54 3.74 -23.09
C ALA A 91 15.79 4.61 -23.15
N LYS A 92 15.65 5.93 -23.36
CA LYS A 92 16.78 6.84 -23.44
C LYS A 92 17.36 7.18 -22.08
N GLY A 93 17.11 6.35 -21.06
CA GLY A 93 17.51 6.71 -19.71
C GLY A 93 16.87 8.02 -19.28
N GLU A 94 17.60 8.79 -18.49
CA GLU A 94 17.26 10.18 -18.16
C GLU A 94 15.84 10.31 -17.62
N TYR A 95 15.67 9.85 -16.39
CA TYR A 95 14.42 10.02 -15.67
C TYR A 95 14.74 10.01 -14.18
N GLN A 96 13.90 10.70 -13.41
CA GLN A 96 14.09 10.79 -11.97
C GLN A 96 13.38 9.65 -11.26
N LYS A 97 13.64 9.53 -9.96
CA LYS A 97 13.05 8.51 -9.12
C LYS A 97 12.46 9.17 -7.88
N VAL A 98 11.23 8.79 -7.53
CA VAL A 98 10.57 9.25 -6.32
C VAL A 98 10.22 8.02 -5.49
N SER A 99 10.31 8.15 -4.17
CA SER A 99 10.12 7.04 -3.25
C SER A 99 9.02 7.35 -2.27
N TYR A 100 8.18 6.33 -1.99
CA TYR A 100 7.10 6.43 -1.03
C TYR A 100 7.37 5.51 0.17
N PRO A 101 6.92 5.90 1.37
CA PRO A 101 7.12 5.05 2.54
C PRO A 101 6.24 3.81 2.48
N LEU A 102 6.61 2.82 3.30
CA LEU A 102 5.89 1.56 3.38
C LEU A 102 5.65 1.20 4.84
N LEU A 103 4.70 0.30 5.06
CA LEU A 103 4.31 -0.15 6.39
C LEU A 103 4.82 -1.57 6.61
N LYS A 104 5.45 -1.80 7.75
CA LYS A 104 5.95 -3.12 8.14
C LYS A 104 5.03 -3.69 9.21
N THR A 105 4.52 -4.89 8.98
CA THR A 105 3.64 -5.58 9.91
C THR A 105 4.31 -6.87 10.37
N THR A 106 4.35 -7.07 11.69
CA THR A 106 4.94 -8.26 12.29
C THR A 106 3.88 -8.96 13.13
N VAL A 107 3.77 -10.28 12.96
CA VAL A 107 2.80 -11.10 13.69
C VAL A 107 3.57 -12.18 14.44
N LYS A 108 3.34 -12.26 15.75
CA LYS A 108 3.99 -13.25 16.60
C LYS A 108 2.98 -14.29 17.06
N TYR A 109 3.42 -15.55 17.14
CA TYR A 109 2.56 -16.64 17.56
C TYR A 109 3.13 -17.32 18.79
N GLY A 110 3.08 -18.66 18.81
CA GLY A 110 3.61 -19.43 19.93
C GLY A 110 3.68 -20.91 19.64
N LYS A 114 6.14 -19.40 14.37
CA LYS A 114 7.26 -18.58 13.90
C LYS A 114 6.77 -17.20 13.47
N GLU A 115 7.48 -16.17 13.96
CA GLU A 115 7.13 -14.79 13.66
C GLU A 115 7.16 -14.53 12.16
N ALA A 116 6.12 -13.86 11.66
CA ALA A 116 5.98 -13.56 10.24
C ALA A 116 5.85 -12.06 10.03
N THR A 117 6.48 -11.55 8.98
CA THR A 117 6.46 -10.14 8.65
C THR A 117 5.88 -9.93 7.26
N TYR A 118 5.25 -8.77 7.08
CA TYR A 118 4.61 -8.42 5.81
C TYR A 118 4.96 -6.98 5.45
N LEU A 119 4.68 -6.61 4.21
CA LEU A 119 4.94 -5.28 3.69
C LEU A 119 3.70 -4.77 2.98
N ALA A 120 3.24 -3.58 3.35
CA ALA A 120 2.00 -3.02 2.85
C ALA A 120 2.27 -1.69 2.15
N LEU A 121 1.72 -1.55 0.95
CA LEU A 121 1.78 -0.28 0.23
C LEU A 121 0.59 0.62 0.54
N ASN A 122 -0.59 0.03 0.75
CA ASN A 122 -1.77 0.82 1.14
C ASN A 122 -1.93 0.82 2.65
N GLU A 123 -2.43 -0.28 3.22
CA GLU A 123 -2.69 -0.33 4.65
C GLU A 123 -2.73 -1.79 5.11
N SER A 124 -2.79 -1.96 6.42
CA SER A 124 -2.98 -3.26 7.05
C SER A 124 -4.08 -3.13 8.10
N THR A 125 -5.02 -4.06 8.08
CA THR A 125 -6.18 -4.02 8.97
C THR A 125 -6.25 -5.29 9.80
N VAL A 126 -6.83 -5.15 11.00
CA VAL A 126 -7.07 -6.27 11.90
C VAL A 126 -8.55 -6.29 12.24
N LYS A 127 -9.19 -7.43 12.00
CA LYS A 127 -10.58 -7.66 12.39
C LYS A 127 -10.66 -8.96 13.17
N SER A 128 -11.84 -9.21 13.72
CA SER A 128 -12.05 -10.39 14.56
C SER A 128 -12.63 -11.54 13.73
N SER A 129 -12.28 -12.77 14.14
CA SER A 129 -12.76 -13.97 13.47
C SER A 129 -14.05 -14.42 14.17
N GLY A 130 -15.13 -13.75 13.82
CA GLY A 130 -16.44 -14.10 14.35
C GLY A 130 -16.85 -13.30 15.57
N GLY A 131 -16.19 -13.56 16.70
CA GLY A 131 -16.53 -12.93 17.95
C GLY A 131 -16.21 -11.45 18.00
N PRO A 132 -16.36 -10.83 19.17
CA PRO A 132 -16.07 -9.40 19.29
C PRO A 132 -14.59 -9.11 19.24
N PHE A 133 -14.25 -7.93 18.72
CA PHE A 133 -12.86 -7.51 18.56
C PHE A 133 -12.46 -6.65 19.75
N VAL A 134 -11.54 -7.16 20.56
CA VAL A 134 -11.01 -6.45 21.73
C VAL A 134 -9.50 -6.63 21.74
N VAL A 135 -8.76 -5.52 21.68
CA VAL A 135 -7.31 -5.55 21.70
C VAL A 135 -6.81 -4.41 22.59
N ASP A 136 -5.70 -4.65 23.28
CA ASP A 136 -4.99 -3.60 24.00
C ASP A 136 -3.98 -2.93 23.06
N VAL A 137 -4.05 -1.62 22.98
CA VAL A 137 -3.18 -0.85 22.09
C VAL A 137 -2.00 -0.34 22.91
N VAL A 138 -0.79 -0.61 22.43
CA VAL A 138 0.45 -0.27 23.12
C VAL A 138 1.32 0.55 22.17
N ILE A 139 1.72 1.74 22.61
CA ILE A 139 2.56 2.63 21.82
C ILE A 139 3.89 2.78 22.54
N ASN A 140 4.95 2.26 21.95
CA ASN A 140 6.30 2.33 22.51
C ASN A 140 6.34 1.77 23.93
N ASP A 141 5.84 0.53 24.07
CA ASP A 141 5.81 -0.21 25.32
C ASP A 141 4.95 0.45 26.39
N ILE A 142 4.02 1.32 26.01
CA ILE A 142 3.14 2.01 26.95
C ILE A 142 1.70 1.72 26.55
N HIS A 143 0.91 1.25 27.51
CA HIS A 143 -0.49 0.98 27.24
C HIS A 143 -1.24 2.28 26.98
N PHE A 144 -1.97 2.33 25.87
CA PHE A 144 -2.69 3.52 25.45
C PHE A 144 -4.20 3.41 25.61
N GLU A 145 -4.80 2.33 25.12
CA GLU A 145 -6.24 2.17 25.18
C GLU A 145 -6.59 0.71 24.99
N ARG A 146 -7.77 0.33 25.50
CA ARG A 146 -8.35 -0.99 25.24
C ARG A 146 -9.46 -0.80 24.22
N PHE A 147 -9.14 -1.11 22.95
CA PHE A 147 -10.08 -0.88 21.86
C PHE A 147 -11.08 -2.02 21.78
N ARG A 148 -12.35 -1.67 21.61
CA ARG A 148 -13.39 -2.65 21.31
C ARG A 148 -14.30 -2.06 20.23
N GLY A 149 -14.29 -2.69 19.06
CA GLY A 149 -15.12 -2.25 17.95
C GLY A 149 -15.13 -3.26 16.83
N ASP A 150 -15.05 -2.78 15.58
CA ASP A 150 -14.97 -3.69 14.44
C ASP A 150 -13.54 -4.00 14.02
N GLY A 151 -12.62 -3.07 14.22
CA GLY A 151 -11.23 -3.32 13.90
C GLY A 151 -10.44 -2.04 13.85
N LEU A 152 -9.20 -2.18 13.38
CA LEU A 152 -8.27 -1.07 13.25
C LEU A 152 -7.61 -1.11 11.87
N CYS A 153 -7.02 0.01 11.48
CA CYS A 153 -6.43 0.14 10.16
C CYS A 153 -5.21 1.04 10.24
N MET A 154 -4.03 0.48 9.96
CA MET A 154 -2.79 1.25 9.91
C MET A 154 -2.44 1.48 8.44
N SER A 155 -2.34 2.75 8.05
CA SER A 155 -2.21 3.12 6.65
C SER A 155 -0.88 3.79 6.36
N THR A 156 -0.38 3.57 5.15
CA THR A 156 0.78 4.29 4.64
C THR A 156 0.35 5.68 4.18
N PRO A 157 1.31 6.57 3.92
CA PRO A 157 0.93 7.90 3.38
C PRO A 157 0.13 7.83 2.10
N SER A 158 0.63 7.11 1.08
CA SER A 158 -0.12 6.96 -0.16
C SER A 158 -1.38 6.13 0.01
N GLY A 159 -1.47 5.34 1.08
CA GLY A 159 -2.68 4.60 1.36
C GLY A 159 -3.77 5.37 2.07
N THR A 160 -3.49 6.62 2.46
CA THR A 160 -4.49 7.43 3.17
C THR A 160 -5.68 7.75 2.28
N THR A 161 -5.48 7.79 0.96
CA THR A 161 -6.55 8.05 0.01
C THR A 161 -7.44 6.85 -0.24
N ALA A 162 -7.12 5.69 0.36
CA ALA A 162 -7.89 4.47 0.15
C ALA A 162 -8.80 4.17 1.34
N TYR A 163 -8.58 3.02 1.98
CA TYR A 163 -9.42 2.60 3.10
C TYR A 163 -9.35 3.60 4.24
N ASN A 164 -8.17 4.19 4.47
CA ASN A 164 -8.02 5.17 5.54
C ASN A 164 -8.99 6.33 5.38
N LYS A 165 -9.23 6.76 4.13
CA LYS A 165 -10.11 7.88 3.90
C LYS A 165 -11.56 7.55 4.25
N SER A 166 -12.01 6.33 3.94
CA SER A 166 -13.37 5.93 4.23
C SER A 166 -13.65 5.85 5.73
N LEU A 167 -12.61 5.66 6.54
CA LEU A 167 -12.74 5.56 7.99
C LEU A 167 -12.61 6.91 8.68
N GLY A 168 -12.57 8.00 7.93
CA GLY A 168 -12.43 9.33 8.50
C GLY A 168 -11.00 9.80 8.66
N GLY A 169 -10.02 9.03 8.20
CA GLY A 169 -8.63 9.42 8.35
C GLY A 169 -8.27 10.62 7.51
N ALA A 170 -7.10 11.18 7.80
CA ALA A 170 -6.62 12.35 7.09
C ALA A 170 -5.82 11.94 5.87
N LEU A 171 -5.89 12.77 4.83
CA LEU A 171 -5.07 12.56 3.65
C LEU A 171 -3.69 13.17 3.89
N MET A 172 -2.65 12.36 3.71
CA MET A 172 -1.30 12.69 4.14
C MET A 172 -0.36 12.60 2.94
N HIS A 173 0.47 13.62 2.78
CA HIS A 173 1.35 13.67 1.61
C HIS A 173 2.39 12.58 1.71
N PRO A 174 2.75 11.93 0.59
CA PRO A 174 3.68 10.78 0.66
C PRO A 174 5.10 11.14 1.05
N SER A 175 5.49 12.41 0.96
CA SER A 175 6.85 12.77 1.37
C SER A 175 7.06 12.68 2.87
N ILE A 176 5.98 12.48 3.65
CA ILE A 176 6.07 12.36 5.09
C ILE A 176 6.23 10.89 5.43
N GLU A 177 7.35 10.52 6.04
CA GLU A 177 7.60 9.15 6.47
C GLU A 177 6.83 8.91 7.76
N ALA A 178 5.62 8.38 7.63
CA ALA A 178 4.73 8.21 8.77
C ALA A 178 3.75 7.09 8.48
N MET A 179 2.89 6.82 9.46
CA MET A 179 1.82 5.84 9.33
C MET A 179 0.64 6.33 10.17
N GLN A 180 -0.57 6.04 9.70
CA GLN A 180 -1.79 6.53 10.32
C GLN A 180 -2.69 5.38 10.74
N LEU A 181 -3.21 5.44 11.95
CA LEU A 181 -4.09 4.43 12.51
C LEU A 181 -5.49 5.01 12.67
N THR A 182 -6.51 4.25 12.23
CA THR A 182 -7.89 4.68 12.31
C THR A 182 -8.73 3.60 12.97
N GLU A 183 -9.94 3.98 13.39
CA GLU A 183 -10.85 3.10 14.11
C GLU A 183 -12.00 2.66 13.21
N MET A 184 -12.54 1.48 13.51
CA MET A 184 -13.68 0.92 12.77
C MET A 184 -14.83 0.74 13.76
N ALA A 185 -15.76 1.70 13.78
CA ALA A 185 -16.97 1.63 14.58
C ALA A 185 -16.66 1.28 16.03
N SER A 186 -15.87 2.14 16.68
CA SER A 186 -15.47 1.88 18.06
CA SER A 186 -15.48 1.88 18.06
C SER A 186 -16.63 2.12 19.01
N ILE A 187 -16.57 1.46 20.15
CA ILE A 187 -17.57 1.58 21.21
C ILE A 187 -17.05 2.57 22.24
N ASN A 188 -17.88 3.52 22.62
CA ASN A 188 -17.51 4.53 23.62
C ASN A 188 -18.69 4.79 24.52
N ASN A 189 -18.59 4.37 25.78
CA ASN A 189 -19.60 4.67 26.78
C ASN A 189 -18.93 4.98 28.11
N ARG A 190 -19.55 4.55 29.21
CA ARG A 190 -18.97 4.82 30.53
C ARG A 190 -17.78 3.92 30.82
N VAL A 191 -17.79 2.70 30.29
CA VAL A 191 -16.81 1.70 30.69
C VAL A 191 -15.74 1.51 29.61
N TYR A 192 -16.13 1.70 28.35
CA TYR A 192 -15.21 1.59 27.22
C TYR A 192 -14.94 2.97 26.64
N ARG A 193 -13.67 3.34 26.54
CA ARG A 193 -13.28 4.66 26.05
C ARG A 193 -12.07 4.51 25.15
N THR A 194 -12.19 4.99 23.91
CA THR A 194 -11.08 5.06 22.96
C THR A 194 -10.83 6.50 22.59
N ILE A 195 -9.75 6.73 21.83
CA ILE A 195 -9.37 8.10 21.50
C ILE A 195 -10.29 8.68 20.42
N GLY A 196 -10.81 7.84 19.52
N GLY A 196 -10.79 7.85 19.50
CA GLY A 196 -11.69 8.29 18.47
CA GLY A 196 -11.72 8.32 18.49
C GLY A 196 -10.96 8.90 17.30
C GLY A 196 -11.09 9.05 17.32
N SER A 197 -9.98 9.74 17.57
CA SER A 197 -9.28 10.46 16.53
C SER A 197 -8.25 9.56 15.85
N PRO A 198 -7.95 9.82 14.57
CA PRO A 198 -6.85 9.13 13.92
C PRO A 198 -5.51 9.57 14.51
N LEU A 199 -4.56 8.65 14.51
CA LEU A 199 -3.24 8.88 15.08
C LEU A 199 -2.19 8.73 13.98
N VAL A 200 -1.26 9.68 13.93
CA VAL A 200 -0.19 9.68 12.94
C VAL A 200 1.13 9.48 13.67
N PHE A 201 1.83 8.39 13.35
CA PHE A 201 3.07 8.04 14.02
C PHE A 201 4.28 8.27 13.11
N PRO A 202 5.37 8.83 13.64
CA PRO A 202 6.57 9.00 12.81
C PRO A 202 7.37 7.71 12.72
N LYS A 203 8.56 7.78 12.12
CA LYS A 203 9.43 6.61 12.07
C LYS A 203 9.85 6.20 13.48
N HIS A 204 10.20 4.93 13.63
CA HIS A 204 10.72 4.31 14.85
C HIS A 204 9.69 4.25 15.98
N HIS A 205 8.46 4.69 15.74
CA HIS A 205 7.37 4.48 16.70
C HIS A 205 6.71 3.14 16.43
N VAL A 206 6.63 2.31 17.47
CA VAL A 206 6.11 0.94 17.34
C VAL A 206 4.74 0.89 18.01
N VAL A 207 3.72 0.61 17.20
CA VAL A 207 2.36 0.40 17.71
C VAL A 207 2.12 -1.10 17.77
N SER A 208 1.73 -1.59 18.94
CA SER A 208 1.60 -3.02 19.20
C SER A 208 0.18 -3.32 19.66
N LEU A 209 -0.49 -4.23 18.94
CA LEU A 209 -1.81 -4.72 19.33
C LEU A 209 -1.66 -6.06 20.02
N GLN A 210 -2.38 -6.23 21.13
CA GLN A 210 -2.29 -7.44 21.92
C GLN A 210 -3.68 -7.94 22.29
N PRO A 211 -3.93 -9.24 22.16
CA PRO A 211 -5.28 -9.77 22.44
C PRO A 211 -5.61 -9.74 23.92
N VAL A 212 -6.91 -9.70 24.19
CA VAL A 212 -7.43 -9.73 25.55
C VAL A 212 -8.09 -11.05 25.87
N ASN A 213 -8.88 -11.59 24.94
CA ASN A 213 -9.50 -12.90 25.12
C ASN A 213 -9.28 -13.78 23.90
N ASP A 214 -10.03 -13.52 22.83
CA ASP A 214 -9.87 -14.27 21.60
C ASP A 214 -8.53 -13.95 20.96
N LYS A 215 -7.79 -15.00 20.57
CA LYS A 215 -6.46 -14.86 20.01
C LYS A 215 -6.41 -15.13 18.51
N ASP A 216 -7.55 -15.14 17.85
CA ASP A 216 -7.63 -15.33 16.41
C ASP A 216 -8.08 -14.02 15.75
N PHE A 217 -7.40 -13.65 14.67
CA PHE A 217 -7.67 -12.38 14.00
C PHE A 217 -7.61 -12.56 12.50
N GLN A 218 -8.43 -11.78 11.79
CA GLN A 218 -8.41 -11.71 10.33
C GLN A 218 -7.56 -10.51 9.96
N ILE A 219 -6.32 -10.77 9.53
CA ILE A 219 -5.36 -9.72 9.21
C ILE A 219 -5.26 -9.56 7.71
N SER A 220 -5.29 -8.32 7.24
CA SER A 220 -5.19 -8.00 5.82
C SER A 220 -3.96 -7.15 5.58
N VAL A 221 -3.34 -7.34 4.41
CA VAL A 221 -2.22 -6.53 3.93
C VAL A 221 -2.54 -6.21 2.48
N ASP A 222 -3.03 -5.01 2.22
CA ASP A 222 -3.49 -4.59 0.88
C ASP A 222 -4.62 -5.56 0.49
N HIS A 223 -4.56 -6.19 -0.69
CA HIS A 223 -5.64 -7.09 -1.08
C HIS A 223 -5.56 -8.42 -0.33
N LEU A 224 -4.36 -8.84 0.05
CA LEU A 224 -4.18 -10.10 0.75
C LEU A 224 -4.79 -10.03 2.15
N SER A 225 -5.46 -11.11 2.55
CA SER A 225 -6.09 -11.20 3.87
C SER A 225 -6.22 -12.67 4.25
N ILE A 226 -5.67 -13.04 5.40
CA ILE A 226 -5.70 -14.42 5.87
C ILE A 226 -5.98 -14.44 7.35
N LEU A 227 -6.64 -15.51 7.80
CA LEU A 227 -6.96 -15.68 9.21
C LEU A 227 -5.73 -16.21 9.95
N HIS A 228 -5.24 -15.43 10.91
CA HIS A 228 -4.08 -15.81 11.72
C HIS A 228 -4.55 -16.41 13.03
N ARG A 229 -4.01 -17.57 13.37
CA ARG A 229 -4.44 -18.35 14.52
C ARG A 229 -3.42 -18.24 15.65
N ASP A 230 -3.91 -18.14 16.88
CA ASP A 230 -3.09 -18.09 18.09
C ASP A 230 -2.07 -16.95 18.00
N VAL A 231 -2.59 -15.74 17.86
CA VAL A 231 -1.77 -14.54 17.73
C VAL A 231 -1.40 -14.04 19.12
N GLN A 232 -0.11 -13.77 19.33
CA GLN A 232 0.37 -13.19 20.57
C GLN A 232 0.58 -11.69 20.49
N GLU A 233 0.86 -11.15 19.31
CA GLU A 233 1.15 -9.73 19.15
C GLU A 233 1.16 -9.38 17.67
N ILE A 234 0.71 -8.16 17.36
CA ILE A 234 0.84 -7.57 16.03
C ILE A 234 1.56 -6.24 16.19
N ARG A 235 2.65 -6.06 15.44
CA ARG A 235 3.48 -4.87 15.56
C ARG A 235 3.45 -4.07 14.27
N TYR A 236 3.24 -2.77 14.39
CA TYR A 236 3.20 -1.84 13.27
C TYR A 236 4.32 -0.83 13.40
N GLU A 237 4.96 -0.51 12.29
CA GLU A 237 6.04 0.48 12.27
C GLU A 237 6.34 0.85 10.83
N VAL A 238 6.82 2.08 10.64
CA VAL A 238 7.22 2.54 9.31
C VAL A 238 8.43 1.74 8.86
N SER A 239 8.30 1.06 7.72
CA SER A 239 9.35 0.19 7.23
C SER A 239 10.57 0.99 6.77
N ALA A 240 11.74 0.38 6.88
CA ALA A 240 12.96 0.93 6.33
C ALA A 240 13.03 0.81 4.82
N LYS A 241 12.17 -0.01 4.22
CA LYS A 241 12.12 -0.16 2.77
C LYS A 241 11.22 0.91 2.17
N LYS A 242 11.48 1.23 0.90
CA LYS A 242 10.72 2.24 0.18
C LYS A 242 10.47 1.76 -1.24
N ILE A 243 9.29 2.09 -1.76
CA ILE A 243 8.93 1.75 -3.14
C ILE A 243 9.35 2.91 -4.04
N HIS A 244 9.98 2.57 -5.17
CA HIS A 244 10.56 3.57 -6.07
C HIS A 244 9.71 3.69 -7.33
N PHE A 245 9.32 4.91 -7.66
CA PHE A 245 8.59 5.21 -8.89
C PHE A 245 9.51 5.90 -9.88
N ALA A 246 9.18 5.77 -11.16
CA ALA A 246 9.86 6.48 -12.24
C ALA A 246 8.97 7.60 -12.71
N ARG A 247 9.45 8.84 -12.59
CA ARG A 247 8.69 10.01 -12.99
C ARG A 247 9.28 10.59 -14.27
N PHE A 248 8.41 11.08 -15.14
CA PHE A 248 8.82 11.73 -16.38
C PHE A 248 8.25 13.14 -16.50
N ARG A 249 7.41 13.56 -15.56
CA ARG A 249 6.71 14.84 -15.66
C ARG A 249 6.26 15.23 -14.27
N SER A 250 5.52 16.34 -14.18
CA SER A 250 4.99 16.84 -12.93
C SER A 250 3.53 16.40 -12.79
N PHE A 251 3.26 15.60 -11.77
CA PHE A 251 1.89 15.22 -11.41
C PHE A 251 1.82 15.23 -9.89
N PRO A 252 1.55 16.40 -9.29
CA PRO A 252 1.57 16.51 -7.84
C PRO A 252 0.56 15.60 -7.17
N PHE A 253 0.84 15.25 -5.91
CA PHE A 253 -0.04 14.38 -5.15
C PHE A 253 -1.41 15.03 -4.94
N TRP A 254 -1.42 16.29 -4.47
CA TRP A 254 -2.68 16.98 -4.27
C TRP A 254 -3.42 17.19 -5.59
N ARG A 255 -2.67 17.45 -6.66
CA ARG A 255 -3.28 17.48 -7.99
C ARG A 255 -3.89 16.13 -8.33
N ARG A 256 -3.22 15.04 -7.93
CA ARG A 256 -3.78 13.71 -8.15
C ARG A 256 -4.97 13.43 -7.23
N VAL A 257 -4.99 14.07 -6.05
CA VAL A 257 -6.14 13.94 -5.17
C VAL A 257 -7.34 14.69 -5.73
N HIS A 258 -7.10 15.89 -6.29
CA HIS A 258 -8.18 16.71 -6.83
C HIS A 258 -8.92 16.00 -7.96
N ASP A 259 -8.17 15.40 -8.89
CA ASP A 259 -8.79 14.77 -10.04
C ASP A 259 -9.61 13.54 -9.65
N SER A 260 -9.26 12.88 -8.56
CA SER A 260 -9.94 11.65 -8.18
C SER A 260 -11.21 11.92 -7.37
N PHE A 261 -11.22 12.96 -6.54
CA PHE A 261 -12.33 13.20 -5.63
C PHE A 261 -13.12 14.46 -5.91
N ILE A 262 -12.51 15.48 -6.52
CA ILE A 262 -13.23 16.72 -6.81
C ILE A 262 -13.80 16.63 -8.22
N GLU A 263 -12.93 16.51 -9.21
CA GLU A 263 -13.33 16.39 -10.60
C GLU A 263 -12.18 15.86 -11.46
C1 CIT B . 4.36 15.99 -5.38
O1 CIT B . 3.22 15.58 -5.07
O2 CIT B . 4.54 17.22 -5.52
C2 CIT B . 5.51 15.03 -5.56
C3 CIT B . 5.16 13.90 -6.52
O7 CIT B . 4.46 14.45 -7.67
C4 CIT B . 6.42 13.19 -6.99
C5 CIT B . 7.09 14.04 -8.05
O3 CIT B . 8.20 14.57 -7.83
O4 CIT B . 6.55 14.21 -9.16
C6 CIT B . 4.25 12.90 -5.84
O5 CIT B . 4.72 12.06 -5.04
O6 CIT B . 3.01 12.90 -6.05
C2 UY6 C . -11.86 2.23 0.54
C4 UY6 C . -11.35 -0.04 0.70
C5 UY6 C . -12.46 -0.26 1.50
C6 UY6 C . -13.30 0.79 1.82
N9 UY6 C . -10.74 -1.21 0.56
C8 UY6 C . -11.44 -2.12 1.24
CAA UY6 C . -7.79 -2.27 -1.54
CAB UY6 C . -7.27 -2.25 -0.16
CAD UY6 C . -8.13 -1.14 0.45
CAF UY6 C . -9.48 -1.56 -0.20
CAR UY6 C . -7.12 -3.41 -2.33
CAT UY6 C . -8.89 -3.29 -4.03
CAU UY6 C . -6.67 -2.68 -4.69
CAV UY6 C . -6.70 -1.23 -4.53
CAW UY6 C . -6.69 -0.02 -4.41
CAX UY6 C . -6.68 1.41 -4.26
CAZ UY6 C . -8.61 1.87 -5.75
CBA UY6 C . -9.87 1.70 -4.92
CBB UY6 C . -10.17 0.46 -4.35
CBC UY6 C . -11.33 0.31 -3.60
CBD UY6 C . -12.19 1.38 -3.44
CBE UY6 C . -11.90 2.62 -4.01
CBF UY6 C . -10.73 2.77 -4.76
CBG UY6 C . -7.23 3.50 -4.49
CBH UY6 C . -6.14 3.41 -3.63
CBJ UY6 C . -5.61 4.56 -3.09
CBM UY6 C . -7.29 5.80 -4.30
N1 UY6 C . -13.00 2.07 1.34
N3 UY6 C . -11.08 1.20 0.24
N6 UY6 C . -14.38 0.60 2.59
N7 UY6 C . -12.50 -1.54 1.81
NAS UY6 C . -7.46 -3.55 -3.77
NAY UY6 C . -7.51 2.25 -4.84
NBI UY6 C . -5.82 2.12 -3.51
NBK UY6 C . -4.56 4.53 -2.27
NBL UY6 C . -6.19 5.79 -3.43
NBN UY6 C . -7.78 4.68 -4.80
OAC UY6 C . -5.90 -1.83 -0.16
OAE UY6 C . -7.73 0.13 -0.05
OAQ UY6 C . -9.11 -2.72 -1.05
#